data_4BHM
#
_entry.id   4BHM
#
_cell.length_a   84.190
_cell.length_b   57.970
_cell.length_c   83.760
_cell.angle_alpha   90.00
_cell.angle_beta   107.02
_cell.angle_gamma   90.00
#
_symmetry.space_group_name_H-M   'P 1 21 1'
#
loop_
_entity.id
_entity.type
_entity.pdbx_description
1 polymer 'MOSUB1 TRANSCRIPTION COFACTOR'
2 polymer "5'-D(*TP*TP*TP*TP*TP*TP*TP*TP)-3'"
3 non-polymer 'SULFATE ION'
4 water water
#
loop_
_entity_poly.entity_id
_entity_poly.type
_entity_poly.pdbx_seq_one_letter_code
_entity_poly.pdbx_strand_id
1 'polypeptide(L)' GSQVDAEGNPFWEISDKRRVGISQFKKMDFINIREYYEAGGEMKPGKKGIGLTVDQYTAFLKAIPAINAELRSRGHDIT A,B,C,D,E,F
2 'polydeoxyribonucleotide' (DT)(DT)(DT)(DT)(DT)(DT)(DT)(DT) G,H,I
#
loop_
_chem_comp.id
_chem_comp.type
_chem_comp.name
_chem_comp.formula
DT DNA linking THYMIDINE-5'-MONOPHOSPHATE 'C10 H15 N2 O8 P'
SO4 non-polymer 'SULFATE ION' 'O4 S -2'
#
# COMPACT_ATOMS: atom_id res chain seq x y z
N GLY A 1 0.81 11.30 -15.99
CA GLY A 1 1.52 10.07 -16.26
C GLY A 1 2.83 9.90 -15.50
N SER A 2 3.95 10.04 -16.22
CA SER A 2 5.26 9.74 -15.66
C SER A 2 5.76 10.78 -14.66
N GLN A 3 5.47 10.55 -13.39
CA GLN A 3 6.04 11.39 -12.34
C GLN A 3 7.39 10.84 -11.91
N VAL A 4 8.18 11.67 -11.22
CA VAL A 4 9.52 11.29 -10.79
C VAL A 4 9.59 11.29 -9.27
N ASP A 5 10.17 10.24 -8.69
CA ASP A 5 10.31 10.19 -7.23
C ASP A 5 11.50 11.04 -6.77
N ALA A 6 11.79 11.02 -5.47
CA ALA A 6 12.86 11.82 -4.91
C ALA A 6 14.24 11.55 -5.53
N GLU A 7 14.47 10.32 -5.96
CA GLU A 7 15.79 9.90 -6.42
C GLU A 7 15.96 9.84 -7.94
N GLY A 8 14.98 10.37 -8.68
CA GLY A 8 15.06 10.42 -10.13
C GLY A 8 14.28 9.33 -10.86
N ASN A 9 13.68 8.42 -10.09
CA ASN A 9 12.99 7.29 -10.68
C ASN A 9 11.55 7.58 -11.10
N PRO A 10 11.20 7.18 -12.33
CA PRO A 10 9.83 7.35 -12.82
C PRO A 10 8.86 6.41 -12.12
N PHE A 11 7.70 6.96 -11.78
CA PHE A 11 6.60 6.14 -11.32
C PHE A 11 5.28 6.59 -11.92
N TRP A 12 4.33 5.66 -11.95
CA TRP A 12 2.95 5.97 -12.34
C TRP A 12 2.02 5.53 -11.22
N GLU A 13 1.14 6.42 -10.78
CA GLU A 13 0.15 6.09 -9.77
C GLU A 13 -0.88 5.16 -10.41
N ILE A 14 -1.32 4.14 -9.68
CA ILE A 14 -2.44 3.35 -10.17
C ILE A 14 -3.53 3.29 -9.12
N SER A 15 -3.33 4.07 -8.07
CA SER A 15 -4.17 4.06 -6.89
C SER A 15 -3.61 5.17 -6.00
N ASP A 16 -4.35 5.61 -5.01
CA ASP A 16 -3.83 6.63 -4.10
C ASP A 16 -2.71 6.07 -3.21
N LYS A 17 -2.44 4.78 -3.34
CA LYS A 17 -1.54 4.10 -2.43
C LYS A 17 -0.81 2.97 -3.12
N ARG A 18 -1.02 2.80 -4.43
CA ARG A 18 -0.25 1.82 -5.16
C ARG A 18 0.42 2.46 -6.36
N ARG A 19 1.63 2.00 -6.68
CA ARG A 19 2.37 2.58 -7.78
C ARG A 19 3.15 1.55 -8.56
N VAL A 20 3.40 1.87 -9.83
CA VAL A 20 4.37 1.14 -10.62
C VAL A 20 5.53 2.10 -10.86
N GLY A 21 6.74 1.63 -10.61
CA GLY A 21 7.92 2.46 -10.78
C GLY A 21 9.07 1.70 -11.41
N ILE A 22 9.98 2.42 -12.06
CA ILE A 22 11.23 1.83 -12.53
C ILE A 22 12.33 2.25 -11.57
N SER A 23 13.23 1.33 -11.23
CA SER A 23 14.38 1.71 -10.42
C SER A 23 15.51 0.73 -10.64
N GLN A 24 16.72 1.16 -10.32
CA GLN A 24 17.89 0.28 -10.45
C GLN A 24 18.34 -0.39 -9.15
N PHE A 25 18.85 -1.62 -9.28
CA PHE A 25 19.48 -2.32 -8.17
C PHE A 25 20.48 -3.31 -8.76
N LYS A 26 21.66 -3.44 -8.11
CA LYS A 26 22.78 -4.22 -8.65
C LYS A 26 23.07 -3.86 -10.12
N LYS A 27 22.85 -2.59 -10.46
CA LYS A 27 22.94 -2.06 -11.83
C LYS A 27 21.94 -2.66 -12.85
N MET A 28 20.81 -3.19 -12.37
CA MET A 28 19.80 -3.74 -13.27
C MET A 28 18.42 -3.08 -13.04
N ASP A 29 17.62 -2.99 -14.09
CA ASP A 29 16.28 -2.39 -14.01
C ASP A 29 15.18 -3.31 -13.43
N PHE A 30 14.42 -2.75 -12.50
CA PHE A 30 13.33 -3.46 -11.86
C PHE A 30 12.04 -2.66 -11.95
N ILE A 31 11.00 -3.34 -12.42
CA ILE A 31 9.66 -2.75 -12.48
C ILE A 31 8.94 -3.18 -11.20
N ASN A 32 8.60 -2.20 -10.37
CA ASN A 32 7.97 -2.52 -9.11
C ASN A 32 6.50 -2.16 -9.08
N ILE A 33 5.69 -3.10 -8.59
CA ILE A 33 4.28 -2.87 -8.30
C ILE A 33 4.14 -3.07 -6.80
N ARG A 34 3.87 -1.99 -6.11
CA ARG A 34 4.11 -1.94 -4.68
C ARG A 34 3.19 -0.88 -4.09
N GLU A 35 2.76 -1.09 -2.85
CA GLU A 35 2.00 -0.04 -2.19
C GLU A 35 2.90 0.84 -1.36
N TYR A 36 2.57 2.14 -1.33
CA TYR A 36 3.39 3.14 -0.67
C TYR A 36 2.72 3.63 0.57
N TYR A 37 3.50 4.11 1.53
CA TYR A 37 2.92 4.67 2.73
C TYR A 37 3.41 6.11 2.91
N GLU A 38 2.64 6.91 3.61
CA GLU A 38 3.00 8.30 3.81
C GLU A 38 3.88 8.42 5.03
N ALA A 39 4.85 9.34 4.97
CA ALA A 39 5.77 9.52 6.09
C ALA A 39 6.48 10.88 6.03
N GLY A 40 6.18 11.72 7.01
CA GLY A 40 6.80 13.03 7.14
C GLY A 40 7.00 13.80 5.84
N GLY A 41 5.99 13.74 4.98
CA GLY A 41 6.04 14.45 3.71
C GLY A 41 5.76 13.58 2.50
N GLU A 42 6.76 12.80 2.09
CA GLU A 42 6.69 12.03 0.86
C GLU A 42 6.07 10.65 1.06
N MET A 43 5.59 10.07 -0.04
CA MET A 43 5.20 8.66 -0.05
C MET A 43 6.44 7.81 -0.29
N LYS A 44 6.64 6.81 0.57
CA LYS A 44 7.77 5.91 0.48
C LYS A 44 7.25 4.51 0.16
N PRO A 45 8.02 3.73 -0.60
CA PRO A 45 7.56 2.38 -0.94
C PRO A 45 7.49 1.45 0.27
N GLY A 46 6.48 0.58 0.32
CA GLY A 46 6.25 -0.29 1.45
C GLY A 46 6.67 -1.75 1.24
N LYS A 47 6.43 -2.58 2.26
CA LYS A 47 6.89 -3.97 2.26
C LYS A 47 5.99 -4.87 1.41
N LYS A 48 4.75 -4.45 1.19
CA LYS A 48 3.79 -5.21 0.39
C LYS A 48 3.88 -4.83 -1.11
N GLY A 49 4.24 -5.82 -1.93
CA GLY A 49 4.49 -5.59 -3.34
C GLY A 49 5.27 -6.69 -4.03
N ILE A 50 5.61 -6.46 -5.30
CA ILE A 50 6.49 -7.36 -6.03
C ILE A 50 7.31 -6.54 -7.02
N GLY A 51 8.58 -6.90 -7.20
CA GLY A 51 9.51 -6.22 -8.09
C GLY A 51 9.91 -7.14 -9.23
N LEU A 52 9.74 -6.66 -10.46
CA LEU A 52 9.92 -7.52 -11.63
C LEU A 52 11.20 -7.24 -12.43
N THR A 53 11.91 -8.29 -12.83
CA THR A 53 13.00 -8.15 -13.78
C THR A 53 12.38 -7.73 -15.10
N VAL A 54 13.18 -7.23 -16.04
CA VAL A 54 12.57 -6.77 -17.28
C VAL A 54 11.96 -7.91 -18.07
N ASP A 55 12.59 -9.09 -18.04
CA ASP A 55 12.08 -10.27 -18.75
C ASP A 55 10.79 -10.82 -18.14
N GLN A 56 10.70 -10.75 -16.81
CA GLN A 56 9.49 -11.05 -16.08
C GLN A 56 8.39 -10.10 -16.53
N TYR A 57 8.75 -8.82 -16.72
CA TYR A 57 7.78 -7.82 -17.13
C TYR A 57 7.31 -8.02 -18.56
N THR A 58 8.22 -8.38 -19.45
CA THR A 58 7.82 -8.56 -20.83
C THR A 58 7.06 -9.87 -20.98
N ALA A 59 7.20 -10.76 -20.02
CA ALA A 59 6.46 -12.00 -20.09
C ALA A 59 5.01 -11.72 -19.66
N PHE A 60 4.87 -10.88 -18.65
CA PHE A 60 3.59 -10.36 -18.21
C PHE A 60 2.83 -9.70 -19.37
N LEU A 61 3.54 -8.89 -20.14
CA LEU A 61 2.95 -8.14 -21.25
C LEU A 61 2.43 -9.08 -22.30
N LYS A 62 3.09 -10.22 -22.45
CA LYS A 62 2.71 -11.23 -23.41
C LYS A 62 1.41 -11.89 -22.98
N ALA A 63 1.15 -11.87 -21.67
CA ALA A 63 -0.07 -12.45 -21.09
C ALA A 63 -1.31 -11.50 -21.07
N ILE A 64 -1.10 -10.23 -21.33
CA ILE A 64 -2.17 -9.25 -21.20
C ILE A 64 -3.40 -9.44 -22.10
N PRO A 65 -3.19 -9.77 -23.39
CA PRO A 65 -4.40 -9.99 -24.20
C PRO A 65 -5.32 -11.06 -23.60
N ALA A 66 -4.78 -12.22 -23.24
CA ALA A 66 -5.61 -13.29 -22.71
C ALA A 66 -6.28 -12.93 -21.37
N ILE A 67 -5.59 -12.12 -20.57
CA ILE A 67 -6.15 -11.64 -19.30
C ILE A 67 -7.31 -10.70 -19.55
N ASN A 68 -7.13 -9.77 -20.48
CA ASN A 68 -8.17 -8.84 -20.89
C ASN A 68 -9.41 -9.56 -21.41
N ALA A 69 -9.19 -10.61 -22.19
CA ALA A 69 -10.29 -11.38 -22.74
C ALA A 69 -11.09 -12.08 -21.64
N GLU A 70 -10.40 -12.54 -20.59
CA GLU A 70 -11.05 -13.31 -19.52
C GLU A 70 -11.75 -12.37 -18.56
N LEU A 71 -11.22 -11.17 -18.38
CA LEU A 71 -11.90 -10.20 -17.55
C LEU A 71 -13.21 -9.69 -18.19
N ARG A 72 -13.15 -9.49 -19.51
CA ARG A 72 -14.32 -9.06 -20.25
C ARG A 72 -15.46 -10.07 -20.20
N SER A 73 -15.16 -11.37 -20.21
CA SER A 73 -16.17 -12.40 -20.04
C SER A 73 -16.59 -12.56 -18.58
N ARG A 74 -16.23 -11.61 -17.75
CA ARG A 74 -16.72 -11.56 -16.39
C ARG A 74 -17.36 -10.20 -16.23
N GLY A 75 -17.58 -9.54 -17.36
CA GLY A 75 -18.35 -8.32 -17.41
C GLY A 75 -17.63 -7.03 -17.07
N HIS A 76 -16.31 -7.05 -17.11
CA HIS A 76 -15.53 -5.84 -16.96
C HIS A 76 -15.24 -5.21 -18.31
N ASP A 77 -15.31 -3.88 -18.37
CA ASP A 77 -14.94 -3.18 -19.58
C ASP A 77 -13.43 -2.90 -19.58
N ILE A 78 -12.75 -3.28 -20.66
CA ILE A 78 -11.29 -3.11 -20.73
C ILE A 78 -10.91 -2.44 -22.04
N THR A 79 -10.43 -1.20 -21.97
CA THR A 79 -10.25 -0.36 -23.15
C THR A 79 -9.06 -0.78 -24.02
N SER B 2 -0.92 -20.30 -21.13
CA SER B 2 -2.20 -20.35 -20.40
C SER B 2 -2.44 -21.72 -19.74
N GLN B 3 -2.45 -21.72 -18.42
CA GLN B 3 -2.59 -22.95 -17.65
C GLN B 3 -3.63 -22.80 -16.56
N VAL B 4 -4.03 -23.92 -15.96
CA VAL B 4 -5.03 -23.88 -14.90
C VAL B 4 -4.46 -24.39 -13.59
N ASP B 5 -4.64 -23.64 -12.49
CA ASP B 5 -4.14 -24.09 -11.20
C ASP B 5 -5.06 -25.09 -10.52
N ALA B 6 -4.82 -25.32 -9.23
CA ALA B 6 -5.58 -26.28 -8.44
C ALA B 6 -6.96 -25.72 -8.11
N GLU B 7 -6.99 -24.43 -7.79
CA GLU B 7 -8.25 -23.72 -7.54
C GLU B 7 -9.02 -23.48 -8.83
N GLY B 8 -8.55 -24.05 -9.94
CA GLY B 8 -9.20 -23.92 -11.22
C GLY B 8 -8.98 -22.57 -11.90
N ASN B 9 -8.23 -21.68 -11.26
CA ASN B 9 -7.95 -20.38 -11.84
C ASN B 9 -6.92 -20.46 -12.96
N PRO B 10 -7.01 -19.55 -13.92
CA PRO B 10 -5.97 -19.50 -14.97
C PRO B 10 -4.72 -18.71 -14.51
N PHE B 11 -3.55 -19.10 -15.01
CA PHE B 11 -2.33 -18.33 -14.75
C PHE B 11 -1.42 -18.36 -15.97
N TRP B 12 -0.58 -17.34 -16.07
CA TRP B 12 0.44 -17.29 -17.08
C TRP B 12 1.76 -17.18 -16.31
N GLU B 13 2.73 -18.01 -16.70
CA GLU B 13 4.01 -18.03 -16.00
C GLU B 13 4.87 -16.89 -16.49
N ILE B 14 5.39 -16.10 -15.56
CA ILE B 14 6.31 -15.04 -15.96
C ILE B 14 7.78 -15.35 -15.62
N SER B 15 7.97 -16.43 -14.86
CA SER B 15 9.28 -17.00 -14.61
C SER B 15 9.14 -18.40 -14.02
N ASP B 16 10.26 -18.97 -13.60
CA ASP B 16 10.22 -20.32 -13.06
C ASP B 16 9.40 -20.44 -11.78
N LYS B 17 9.40 -19.41 -10.93
CA LYS B 17 8.60 -19.50 -9.71
C LYS B 17 7.62 -18.33 -9.58
N ARG B 18 7.43 -17.58 -10.66
CA ARG B 18 6.51 -16.45 -10.61
C ARG B 18 5.35 -16.53 -11.59
N ARG B 19 4.19 -16.12 -11.11
CA ARG B 19 2.95 -16.31 -11.86
C ARG B 19 2.11 -15.07 -11.92
N VAL B 20 1.39 -14.93 -13.02
CA VAL B 20 0.29 -13.99 -13.03
C VAL B 20 -1.05 -14.74 -13.29
N GLY B 21 -2.07 -14.42 -12.51
CA GLY B 21 -3.33 -15.13 -12.67
C GLY B 21 -4.53 -14.33 -12.19
N ILE B 22 -5.71 -14.83 -12.53
CA ILE B 22 -6.96 -14.20 -12.11
C ILE B 22 -7.61 -15.08 -11.08
N SER B 23 -8.14 -14.51 -10.00
CA SER B 23 -8.95 -15.30 -9.08
C SER B 23 -10.23 -14.60 -8.67
N GLN B 24 -11.20 -15.36 -8.18
CA GLN B 24 -12.37 -14.79 -7.53
C GLN B 24 -12.20 -14.93 -6.02
N PHE B 25 -12.69 -13.96 -5.28
CA PHE B 25 -12.58 -13.97 -3.83
C PHE B 25 -13.52 -12.92 -3.32
N LYS B 26 -14.45 -13.33 -2.47
CA LYS B 26 -15.52 -12.43 -2.02
C LYS B 26 -16.26 -11.82 -3.21
N LYS B 27 -16.63 -12.66 -4.18
CA LYS B 27 -17.29 -12.27 -5.44
C LYS B 27 -16.64 -11.09 -6.16
N MET B 28 -15.32 -10.99 -6.04
CA MET B 28 -14.56 -9.93 -6.69
C MET B 28 -13.44 -10.58 -7.50
N ASP B 29 -12.98 -9.89 -8.55
CA ASP B 29 -11.91 -10.41 -9.39
C ASP B 29 -10.57 -9.77 -9.03
N PHE B 30 -9.50 -10.55 -9.09
CA PHE B 30 -8.20 -9.98 -8.75
C PHE B 30 -7.17 -10.38 -9.77
N ILE B 31 -6.30 -9.44 -10.11
CA ILE B 31 -5.13 -9.80 -10.88
C ILE B 31 -4.01 -10.01 -9.90
N ASN B 32 -3.41 -11.19 -9.97
CA ASN B 32 -2.41 -11.55 -9.01
C ASN B 32 -1.05 -11.76 -9.63
N ILE B 33 -0.06 -11.04 -9.10
CA ILE B 33 1.32 -11.26 -9.48
C ILE B 33 2.07 -11.69 -8.23
N ARG B 34 2.47 -12.95 -8.23
CA ARG B 34 2.84 -13.61 -7.01
C ARG B 34 3.89 -14.71 -7.21
N GLU B 35 4.78 -14.86 -6.22
CA GLU B 35 5.72 -15.97 -6.18
C GLU B 35 5.06 -17.24 -5.67
N TYR B 36 5.44 -18.36 -6.26
CA TYR B 36 4.95 -19.67 -5.88
C TYR B 36 6.06 -20.61 -5.46
N TYR B 37 5.75 -21.54 -4.57
CA TYR B 37 6.72 -22.53 -4.09
C TYR B 37 6.15 -23.95 -4.23
N GLU B 38 7.03 -24.95 -4.15
CA GLU B 38 6.63 -26.32 -4.42
C GLU B 38 6.34 -27.10 -3.14
N ALA B 39 5.30 -27.91 -3.16
CA ALA B 39 4.89 -28.67 -1.97
C ALA B 39 4.10 -29.94 -2.26
N GLY B 40 4.77 -30.94 -2.84
CA GLY B 40 4.16 -32.23 -3.09
C GLY B 40 2.94 -32.16 -3.99
N GLU B 42 0.61 -29.35 -5.03
CA GLU B 42 1.96 -29.25 -5.57
C GLU B 42 2.54 -27.84 -5.48
N MET B 43 1.82 -26.86 -5.99
CA MET B 43 2.35 -25.51 -6.16
C MET B 43 1.54 -24.47 -5.39
N LYS B 44 2.16 -23.82 -4.40
CA LYS B 44 1.44 -22.92 -3.51
C LYS B 44 1.93 -21.46 -3.58
N PRO B 45 1.00 -20.50 -3.45
CA PRO B 45 1.32 -19.06 -3.51
C PRO B 45 2.06 -18.58 -2.28
N GLY B 46 2.98 -17.64 -2.45
CA GLY B 46 3.83 -17.23 -1.34
C GLY B 46 3.58 -15.83 -0.82
N LYS B 47 4.52 -15.36 -0.01
CA LYS B 47 4.44 -14.06 0.65
C LYS B 47 4.64 -12.91 -0.31
N LYS B 48 5.66 -13.02 -1.16
CA LYS B 48 5.99 -11.96 -2.10
C LYS B 48 4.96 -11.87 -3.24
N GLY B 49 4.28 -10.73 -3.35
CA GLY B 49 3.26 -10.60 -4.37
C GLY B 49 2.20 -9.56 -4.08
N ILE B 50 1.42 -9.26 -5.10
CA ILE B 50 0.39 -8.25 -4.95
C ILE B 50 -0.92 -8.71 -5.64
N GLY B 51 -2.05 -8.18 -5.17
CA GLY B 51 -3.31 -8.51 -5.80
C GLY B 51 -3.98 -7.26 -6.31
N LEU B 52 -4.13 -7.14 -7.62
CA LEU B 52 -4.75 -5.96 -8.22
C LEU B 52 -6.28 -6.08 -8.42
N THR B 53 -7.00 -5.06 -7.95
CA THR B 53 -8.41 -4.90 -8.29
C THR B 53 -8.42 -4.53 -9.75
N VAL B 54 -9.50 -4.87 -10.46
CA VAL B 54 -9.54 -4.60 -11.91
C VAL B 54 -9.37 -3.11 -12.22
N ASP B 55 -9.90 -2.25 -11.36
CA ASP B 55 -9.66 -0.82 -11.55
C ASP B 55 -8.18 -0.48 -11.47
N GLN B 56 -7.48 -1.09 -10.52
CA GLN B 56 -6.03 -0.89 -10.44
C GLN B 56 -5.33 -1.46 -11.65
N TYR B 57 -5.80 -2.61 -12.11
CA TYR B 57 -5.27 -3.24 -13.30
C TYR B 57 -5.53 -2.40 -14.56
N THR B 58 -6.67 -1.74 -14.63
CA THR B 58 -6.93 -0.93 -15.82
C THR B 58 -6.07 0.36 -15.80
N ALA B 59 -5.82 0.89 -14.60
CA ALA B 59 -4.89 2.00 -14.42
C ALA B 59 -3.48 1.60 -14.89
N PHE B 60 -3.11 0.35 -14.61
CA PHE B 60 -1.84 -0.22 -15.03
C PHE B 60 -1.75 -0.24 -16.55
N LEU B 61 -2.72 -0.88 -17.19
CA LEU B 61 -2.80 -0.96 -18.64
C LEU B 61 -2.59 0.40 -19.26
N LYS B 62 -3.19 1.42 -18.65
CA LYS B 62 -3.08 2.76 -19.15
C LYS B 62 -1.63 3.29 -19.09
N ALA B 63 -0.90 2.92 -18.05
CA ALA B 63 0.50 3.34 -17.89
C ALA B 63 1.52 2.63 -18.79
N ILE B 64 1.22 1.38 -19.16
CA ILE B 64 2.14 0.54 -19.93
C ILE B 64 2.87 1.21 -21.11
N PRO B 65 2.15 1.94 -21.96
CA PRO B 65 2.92 2.49 -23.09
C PRO B 65 3.99 3.45 -22.61
N ALA B 66 3.70 4.21 -21.56
CA ALA B 66 4.67 5.13 -20.97
C ALA B 66 5.88 4.39 -20.34
N ILE B 67 5.61 3.35 -19.55
CA ILE B 67 6.72 2.64 -18.93
C ILE B 67 7.54 1.89 -19.99
N ASN B 68 6.85 1.46 -21.03
CA ASN B 68 7.52 0.78 -22.12
C ASN B 68 8.50 1.72 -22.84
N ALA B 69 8.14 2.99 -22.92
CA ALA B 69 8.97 3.95 -23.62
C ALA B 69 10.23 4.17 -22.80
N GLU B 70 10.03 4.25 -21.49
CA GLU B 70 11.11 4.44 -20.56
C GLU B 70 12.12 3.30 -20.66
N LEU B 71 11.60 2.07 -20.64
CA LEU B 71 12.42 0.89 -20.76
C LEU B 71 13.24 0.87 -22.06
N ARG B 72 12.67 1.36 -23.14
CA ARG B 72 13.40 1.43 -24.39
C ARG B 72 14.49 2.50 -24.34
N SER B 73 14.21 3.58 -23.62
CA SER B 73 15.19 4.66 -23.55
C SER B 73 16.37 4.25 -22.66
N ARG B 74 16.26 3.10 -22.00
CA ARG B 74 17.33 2.59 -21.15
C ARG B 74 17.97 1.40 -21.81
N GLY B 75 17.49 1.02 -22.99
CA GLY B 75 18.16 0.01 -23.77
C GLY B 75 17.47 -1.34 -23.85
N HIS B 76 16.30 -1.45 -23.25
CA HIS B 76 15.58 -2.73 -23.31
C HIS B 76 14.76 -2.86 -24.58
N ASP B 77 14.83 -4.06 -25.15
CA ASP B 77 14.01 -4.44 -26.29
C ASP B 77 12.61 -4.82 -25.83
N ILE B 78 11.64 -3.99 -26.20
CA ILE B 78 10.27 -4.21 -25.83
C ILE B 78 9.33 -4.07 -27.02
N THR B 79 8.80 -5.20 -27.48
CA THR B 79 7.79 -5.19 -28.54
C THR B 79 6.43 -4.73 -27.99
N GLY C 1 21.48 -19.05 2.47
CA GLY C 1 22.59 -19.93 2.79
C GLY C 1 23.84 -19.16 3.18
N SER C 2 24.76 -19.82 3.88
CA SER C 2 25.99 -19.19 4.42
C SER C 2 27.01 -18.76 3.35
N GLN C 3 27.16 -17.46 3.16
CA GLN C 3 28.11 -16.96 2.19
C GLN C 3 29.35 -16.43 2.92
N VAL C 4 30.37 -16.06 2.16
CA VAL C 4 31.60 -15.53 2.75
C VAL C 4 32.13 -14.32 1.96
N ASP C 5 32.70 -13.33 2.66
CA ASP C 5 33.22 -12.12 2.01
C ASP C 5 34.71 -12.24 1.65
N ALA C 6 35.35 -11.12 1.35
CA ALA C 6 36.79 -11.11 1.05
C ALA C 6 37.63 -11.57 2.24
N GLU C 7 37.39 -10.95 3.39
CA GLU C 7 38.08 -11.31 4.62
C GLU C 7 37.85 -12.76 5.07
N GLY C 8 36.93 -13.47 4.42
CA GLY C 8 36.62 -14.83 4.80
C GLY C 8 35.59 -14.89 5.91
N ASN C 9 35.04 -13.73 6.24
CA ASN C 9 33.97 -13.63 7.23
C ASN C 9 32.61 -14.08 6.68
N PRO C 10 31.96 -15.02 7.38
CA PRO C 10 30.66 -15.59 7.01
C PRO C 10 29.51 -14.62 7.18
N PHE C 11 28.63 -14.58 6.20
CA PHE C 11 27.37 -13.83 6.30
C PHE C 11 26.16 -14.55 5.70
N TRP C 12 25.00 -14.09 6.13
CA TRP C 12 23.71 -14.59 5.69
C TRP C 12 22.86 -13.38 5.38
N GLU C 13 22.29 -13.37 4.17
CA GLU C 13 21.40 -12.29 3.76
C GLU C 13 20.01 -12.49 4.36
N ILE C 14 19.41 -11.43 4.89
CA ILE C 14 18.05 -11.53 5.40
C ILE C 14 17.16 -10.53 4.66
N SER C 15 17.64 -10.05 3.53
CA SER C 15 17.01 -9.01 2.74
C SER C 15 17.83 -8.86 1.49
N ASP C 16 17.60 -7.78 0.74
CA ASP C 16 18.40 -7.54 -0.45
C ASP C 16 19.57 -6.63 -0.08
N LYS C 17 19.35 -5.84 0.97
CA LYS C 17 20.38 -4.93 1.47
C LYS C 17 20.60 -5.06 2.98
N ARG C 18 20.29 -6.23 3.54
CA ARG C 18 20.53 -6.45 4.96
C ARG C 18 21.10 -7.84 5.25
N ARG C 19 22.15 -7.88 6.09
CA ARG C 19 22.84 -9.14 6.41
C ARG C 19 23.04 -9.36 7.88
N VAL C 20 23.27 -10.61 8.24
CA VAL C 20 23.90 -10.95 9.51
C VAL C 20 25.26 -11.55 9.20
N GLY C 21 26.27 -11.11 9.93
CA GLY C 21 27.63 -11.57 9.70
C GLY C 21 28.41 -11.77 10.98
N ILE C 22 29.37 -12.70 10.95
CA ILE C 22 30.35 -12.84 12.02
C ILE C 22 31.72 -12.27 11.64
N SER C 23 32.13 -11.23 12.34
CA SER C 23 33.48 -10.74 12.18
C SER C 23 34.27 -10.81 13.51
N GLN C 24 35.60 -10.73 13.40
CA GLN C 24 36.49 -10.74 14.56
C GLN C 24 37.05 -9.33 14.72
N PHE C 25 37.29 -8.87 15.95
CA PHE C 25 37.71 -7.49 16.21
C PHE C 25 38.27 -7.31 17.61
N LYS C 26 39.56 -6.94 17.67
CA LYS C 26 40.29 -6.80 18.93
C LYS C 26 40.18 -8.06 19.77
N LYS C 27 40.37 -9.21 19.11
CA LYS C 27 40.32 -10.55 19.71
C LYS C 27 38.93 -11.14 19.99
N MET C 28 37.88 -10.32 19.90
CA MET C 28 36.52 -10.79 20.16
C MET C 28 35.71 -11.00 18.88
N ASP C 29 34.69 -11.87 18.95
CA ASP C 29 33.79 -12.05 17.81
C ASP C 29 32.60 -11.12 17.92
N PHE C 30 32.12 -10.67 16.78
CA PHE C 30 30.94 -9.82 16.78
C PHE C 30 30.00 -10.32 15.72
N ILE C 31 28.74 -10.42 16.11
CA ILE C 31 27.62 -10.71 15.21
C ILE C 31 26.99 -9.38 14.78
N ASN C 32 27.11 -9.06 13.49
CA ASN C 32 26.53 -7.80 13.01
C ASN C 32 25.22 -7.96 12.26
N ILE C 33 24.31 -7.03 12.50
CA ILE C 33 23.02 -7.02 11.83
C ILE C 33 22.96 -5.60 11.31
N ARG C 34 23.01 -5.47 9.99
CA ARG C 34 23.39 -4.21 9.39
C ARG C 34 22.96 -4.11 7.94
N GLU C 35 22.75 -2.88 7.50
CA GLU C 35 22.39 -2.61 6.13
C GLU C 35 23.68 -2.49 5.34
N TYR C 36 23.64 -2.99 4.12
CA TYR C 36 24.78 -2.87 3.21
C TYR C 36 24.41 -1.96 2.05
N TYR C 37 25.36 -1.13 1.61
CA TYR C 37 25.14 -0.30 0.43
C TYR C 37 26.01 -0.86 -0.69
N GLU C 38 25.74 -0.51 -1.95
CA GLU C 38 26.59 -1.03 -3.01
C GLU C 38 27.65 -0.02 -3.40
N ALA C 39 28.88 -0.51 -3.53
CA ALA C 39 30.02 0.34 -3.80
C ALA C 39 30.94 -0.32 -4.82
N GLY C 40 30.69 -0.08 -6.10
CA GLY C 40 31.55 -0.58 -7.16
C GLY C 40 31.35 -2.04 -7.48
N GLY C 41 30.10 -2.51 -7.39
CA GLY C 41 29.78 -3.90 -7.65
C GLY C 41 29.97 -4.79 -6.43
N GLU C 42 30.44 -4.19 -5.34
CA GLU C 42 30.66 -4.89 -4.09
C GLU C 42 29.67 -4.40 -3.03
N MET C 43 29.67 -5.04 -1.87
CA MET C 43 28.76 -4.65 -0.80
C MET C 43 29.52 -4.32 0.48
N LYS C 44 29.49 -3.05 0.87
CA LYS C 44 30.09 -2.58 2.11
C LYS C 44 29.01 -2.33 3.17
N PRO C 45 29.35 -2.50 4.46
CA PRO C 45 28.39 -2.26 5.55
C PRO C 45 28.15 -0.77 5.77
N GLY C 46 26.93 -0.41 6.16
CA GLY C 46 26.56 0.99 6.29
C GLY C 46 26.26 1.40 7.71
N LYS C 47 25.94 2.66 7.89
CA LYS C 47 25.73 3.22 9.23
C LYS C 47 24.55 2.62 10.00
N LYS C 48 23.49 2.21 9.30
CA LYS C 48 22.32 1.62 9.97
C LYS C 48 22.59 0.17 10.32
N GLY C 49 22.63 -0.13 11.61
CA GLY C 49 22.90 -1.49 12.05
C GLY C 49 23.35 -1.59 13.49
N ILE C 50 23.58 -2.82 13.96
CA ILE C 50 24.09 -3.04 15.31
C ILE C 50 25.03 -4.26 15.39
N GLY C 51 26.15 -4.08 16.09
CA GLY C 51 27.09 -5.17 16.27
C GLY C 51 26.92 -5.82 17.63
N LEU C 52 26.66 -7.11 17.63
CA LEU C 52 26.41 -7.80 18.88
C LEU C 52 27.64 -8.51 19.41
N THR C 53 27.99 -8.25 20.67
CA THR C 53 28.97 -9.08 21.34
C THR C 53 28.38 -10.46 21.50
N VAL C 54 29.24 -11.48 21.57
CA VAL C 54 28.79 -12.87 21.57
C VAL C 54 27.70 -13.16 22.61
N ASP C 55 27.84 -12.56 23.80
CA ASP C 55 26.90 -12.77 24.90
C ASP C 55 25.57 -12.06 24.64
N GLN C 56 25.64 -10.84 24.13
CA GLN C 56 24.44 -10.12 23.77
C GLN C 56 23.61 -10.91 22.77
N TYR C 57 24.27 -11.70 21.92
CA TYR C 57 23.59 -12.52 20.95
C TYR C 57 22.99 -13.75 21.63
N THR C 58 23.64 -14.24 22.69
CA THR C 58 23.07 -15.40 23.35
C THR C 58 21.93 -15.04 24.28
N ALA C 59 21.92 -13.81 24.79
CA ALA C 59 20.77 -13.29 25.53
C ALA C 59 19.61 -13.16 24.55
N PHE C 60 19.93 -12.63 23.37
CA PHE C 60 18.99 -12.58 22.27
C PHE C 60 18.36 -13.93 21.91
N LEU C 61 19.15 -14.99 21.87
CA LEU C 61 18.64 -16.29 21.45
C LEU C 61 17.61 -16.86 22.42
N LYS C 62 17.57 -16.30 23.62
CA LYS C 62 16.76 -16.83 24.69
C LYS C 62 15.46 -16.08 24.77
N ALA C 63 15.44 -14.87 24.21
CA ALA C 63 14.21 -14.10 24.17
C ALA C 63 13.40 -14.48 22.93
N ILE C 64 14.03 -15.23 22.02
CA ILE C 64 13.38 -15.63 20.78
C ILE C 64 12.05 -16.41 20.92
N PRO C 65 11.98 -17.36 21.87
CA PRO C 65 10.68 -18.05 22.02
C PRO C 65 9.54 -17.10 22.42
N ALA C 66 9.85 -16.13 23.27
CA ALA C 66 8.84 -15.18 23.69
C ALA C 66 8.44 -14.25 22.54
N ILE C 67 9.42 -13.78 21.78
CA ILE C 67 9.17 -12.95 20.61
C ILE C 67 8.33 -13.69 19.56
N ASN C 68 8.70 -14.93 19.30
CA ASN C 68 8.01 -15.77 18.35
C ASN C 68 6.54 -15.92 18.72
N ALA C 69 6.28 -16.16 20.00
CA ALA C 69 4.92 -16.34 20.49
C ALA C 69 4.08 -15.07 20.31
N GLU C 70 4.65 -13.91 20.62
CA GLU C 70 3.91 -12.68 20.55
C GLU C 70 3.56 -12.33 19.10
N LEU C 71 4.48 -12.63 18.20
CA LEU C 71 4.25 -12.39 16.78
C LEU C 71 3.04 -13.18 16.25
N ARG C 72 3.05 -14.48 16.50
CA ARG C 72 1.94 -15.35 16.13
C ARG C 72 0.58 -14.80 16.60
N SER C 73 0.52 -14.41 17.87
CA SER C 73 -0.67 -13.82 18.44
C SER C 73 -1.14 -12.59 17.66
N ARG C 74 -0.25 -12.00 16.87
CA ARG C 74 -0.56 -10.86 16.04
C ARG C 74 -0.78 -11.28 14.59
N GLY C 75 -0.79 -12.58 14.32
CA GLY C 75 -1.14 -13.10 13.02
C GLY C 75 0.02 -13.17 12.05
N HIS C 76 1.13 -13.73 12.50
CA HIS C 76 2.29 -13.97 11.64
C HIS C 76 2.67 -15.45 11.68
N ASP C 77 3.16 -15.96 10.56
CA ASP C 77 3.51 -17.37 10.46
C ASP C 77 5.00 -17.58 10.72
N ILE C 78 5.34 -17.81 11.98
CA ILE C 78 6.72 -18.03 12.39
C ILE C 78 7.02 -19.52 12.49
N THR C 79 7.84 -20.03 11.58
CA THR C 79 8.24 -21.43 11.59
C THR C 79 9.57 -21.60 12.33
N SER D 2 11.05 -10.52 30.53
CA SER D 2 9.78 -10.05 29.96
C SER D 2 9.33 -8.77 30.64
N GLN D 3 9.72 -7.64 30.03
CA GLN D 3 9.39 -6.33 30.55
C GLN D 3 8.40 -5.61 29.66
N VAL D 4 7.99 -4.42 30.06
CA VAL D 4 7.06 -3.61 29.28
C VAL D 4 7.46 -2.16 29.40
N ASP D 5 7.60 -1.48 28.27
CA ASP D 5 8.12 -0.12 28.28
C ASP D 5 7.06 0.95 28.40
N ALA D 6 7.49 2.20 28.27
CA ALA D 6 6.64 3.36 28.45
C ALA D 6 5.51 3.45 27.42
N GLU D 7 5.76 2.97 26.21
CA GLU D 7 4.75 3.00 25.18
C GLU D 7 3.73 1.93 25.50
N GLY D 8 4.24 0.76 25.87
CA GLY D 8 3.42 -0.38 26.23
C GLY D 8 3.94 -1.62 25.55
N ASN D 9 4.97 -1.44 24.71
CA ASN D 9 5.57 -2.56 23.99
C ASN D 9 6.42 -3.43 24.88
N PRO D 10 6.47 -4.73 24.59
CA PRO D 10 7.31 -5.58 25.42
C PRO D 10 8.77 -5.51 24.98
N PHE D 11 9.67 -5.66 25.93
CA PHE D 11 11.08 -5.88 25.57
C PHE D 11 11.79 -6.91 26.43
N TRP D 12 13.03 -7.20 26.02
CA TRP D 12 13.91 -8.12 26.73
C TRP D 12 15.32 -7.52 26.74
N GLU D 13 15.89 -7.32 27.92
CA GLU D 13 17.23 -6.74 28.01
C GLU D 13 18.29 -7.73 27.53
N ILE D 14 19.17 -7.29 26.66
CA ILE D 14 20.31 -8.11 26.31
C ILE D 14 21.65 -7.51 26.79
N SER D 15 21.56 -6.40 27.52
CA SER D 15 22.70 -5.69 28.12
C SER D 15 22.20 -4.62 29.09
N ASP D 16 23.15 -3.91 29.71
CA ASP D 16 22.83 -2.74 30.50
C ASP D 16 22.09 -1.72 29.62
N LYS D 17 22.60 -1.46 28.43
CA LYS D 17 22.02 -0.45 27.55
C LYS D 17 21.26 -0.99 26.33
N ARG D 18 21.21 -2.32 26.17
CA ARG D 18 20.65 -2.90 24.95
C ARG D 18 19.37 -3.74 25.13
N ARG D 19 18.48 -3.67 24.13
CA ARG D 19 17.14 -4.27 24.20
C ARG D 19 16.69 -4.96 22.92
N VAL D 20 15.92 -6.03 23.07
CA VAL D 20 15.14 -6.52 21.95
C VAL D 20 13.69 -6.25 22.22
N GLY D 21 12.99 -5.68 21.25
CA GLY D 21 11.58 -5.40 21.41
C GLY D 21 10.75 -5.66 20.17
N ILE D 22 9.44 -5.65 20.36
CA ILE D 22 8.49 -5.61 19.25
C ILE D 22 7.68 -4.33 19.37
N SER D 23 7.65 -3.55 18.30
CA SER D 23 6.83 -2.34 18.30
C SER D 23 5.85 -2.36 17.12
N GLN D 24 4.80 -1.57 17.24
CA GLN D 24 3.88 -1.36 16.13
C GLN D 24 3.96 0.07 15.67
N PHE D 25 4.38 0.24 14.43
CA PHE D 25 4.34 1.54 13.80
C PHE D 25 3.39 1.46 12.62
N LYS D 26 2.25 2.14 12.74
CA LYS D 26 1.25 2.21 11.69
C LYS D 26 0.65 0.84 11.32
N LYS D 27 0.12 0.12 12.33
CA LYS D 27 -0.43 -1.23 12.15
C LYS D 27 0.64 -2.29 11.79
N MET D 28 1.90 -1.86 11.68
CA MET D 28 2.94 -2.79 11.21
C MET D 28 3.91 -3.16 12.33
N ASP D 29 4.34 -4.42 12.34
CA ASP D 29 5.21 -4.90 13.41
C ASP D 29 6.71 -4.92 13.06
N PHE D 30 7.53 -4.50 14.01
CA PHE D 30 8.97 -4.49 13.83
C PHE D 30 9.64 -5.11 15.03
N ILE D 31 10.71 -5.84 14.77
CA ILE D 31 11.50 -6.40 15.84
C ILE D 31 12.72 -5.52 15.96
N ASN D 32 12.83 -4.78 17.05
CA ASN D 32 13.94 -3.85 17.19
C ASN D 32 15.03 -4.36 18.09
N ILE D 33 16.26 -4.21 17.62
CA ILE D 33 17.43 -4.50 18.42
C ILE D 33 18.19 -3.18 18.46
N ARG D 34 18.30 -2.59 19.65
CA ARG D 34 18.73 -1.19 19.75
C ARG D 34 19.39 -0.83 21.11
N GLU D 35 20.28 0.17 21.08
CA GLU D 35 20.86 0.70 22.31
C GLU D 35 19.97 1.80 22.84
N TYR D 36 19.85 1.88 24.16
CA TYR D 36 19.05 2.92 24.79
C TYR D 36 19.91 3.77 25.73
N TYR D 37 19.64 5.07 25.76
CA TYR D 37 20.30 5.98 26.70
C TYR D 37 19.24 6.56 27.63
N GLU D 38 19.67 7.13 28.74
CA GLU D 38 18.75 7.60 29.77
C GLU D 38 18.09 8.94 29.42
N ALA D 39 16.79 9.04 29.68
CA ALA D 39 16.03 10.27 29.46
C ALA D 39 16.13 11.22 30.65
N MET D 43 14.90 6.71 29.46
CA MET D 43 15.41 5.62 28.63
C MET D 43 14.92 5.71 27.18
N LYS D 44 15.62 6.49 26.38
CA LYS D 44 15.25 6.72 24.99
C LYS D 44 16.17 5.96 24.03
N PRO D 45 15.63 5.57 22.86
CA PRO D 45 16.38 4.82 21.84
C PRO D 45 17.44 5.67 21.14
N GLY D 46 18.55 5.03 20.77
CA GLY D 46 19.69 5.75 20.24
C GLY D 46 20.15 5.35 18.84
N LYS D 47 21.33 5.82 18.47
CA LYS D 47 21.88 5.66 17.13
C LYS D 47 22.11 4.21 16.75
N LYS D 48 22.78 3.46 17.60
CA LYS D 48 23.08 2.07 17.26
C LYS D 48 21.83 1.22 17.38
N GLY D 49 21.51 0.47 16.33
CA GLY D 49 20.32 -0.37 16.36
C GLY D 49 19.68 -0.62 15.00
N ILE D 50 18.73 -1.55 14.97
CA ILE D 50 18.06 -1.85 13.72
C ILE D 50 16.61 -2.32 13.89
N GLY D 51 15.75 -1.92 12.96
CA GLY D 51 14.33 -2.24 13.01
C GLY D 51 13.95 -3.26 11.97
N LEU D 52 13.80 -4.50 12.41
CA LEU D 52 13.62 -5.60 11.48
C LEU D 52 12.16 -5.78 11.18
N THR D 53 11.87 -6.05 9.91
CA THR D 53 10.53 -6.44 9.54
C THR D 53 10.37 -7.90 9.93
N VAL D 54 9.13 -8.37 9.94
CA VAL D 54 8.84 -9.76 10.26
C VAL D 54 9.54 -10.73 9.29
N ASP D 55 9.38 -10.48 7.99
CA ASP D 55 10.07 -11.26 6.96
C ASP D 55 11.56 -11.33 7.18
N GLN D 56 12.14 -10.20 7.58
CA GLN D 56 13.55 -10.13 7.88
C GLN D 56 13.91 -10.93 9.14
N TYR D 57 13.09 -10.80 10.18
CA TYR D 57 13.31 -11.54 11.40
C TYR D 57 13.17 -13.05 11.18
N THR D 58 12.30 -13.45 10.27
CA THR D 58 12.20 -14.89 9.99
C THR D 58 13.36 -15.42 9.14
N ALA D 59 13.86 -14.59 8.22
CA ALA D 59 15.06 -14.96 7.48
C ALA D 59 16.23 -15.16 8.47
N PHE D 60 16.43 -14.19 9.35
CA PHE D 60 17.35 -14.33 10.45
C PHE D 60 17.20 -15.70 11.13
N LEU D 61 15.99 -16.02 11.59
CA LEU D 61 15.74 -17.23 12.36
C LEU D 61 16.19 -18.49 11.64
N LYS D 62 16.14 -18.48 10.32
CA LYS D 62 16.45 -19.68 9.55
C LYS D 62 17.96 -19.82 9.44
N ALA D 63 18.66 -18.71 9.64
CA ALA D 63 20.11 -18.68 9.54
C ALA D 63 20.78 -19.06 10.86
N ILE D 64 20.01 -19.00 11.94
CA ILE D 64 20.53 -19.20 13.30
C ILE D 64 21.28 -20.50 13.61
N PRO D 65 20.80 -21.65 13.11
CA PRO D 65 21.55 -22.85 13.46
C PRO D 65 22.96 -22.82 12.90
N ALA D 66 23.12 -22.28 11.70
CA ALA D 66 24.44 -22.22 11.06
C ALA D 66 25.33 -21.19 11.70
N ILE D 67 24.76 -20.03 12.03
CA ILE D 67 25.48 -19.01 12.78
C ILE D 67 26.06 -19.61 14.06
N ASN D 68 25.21 -20.30 14.82
CA ASN D 68 25.64 -20.97 16.04
C ASN D 68 26.73 -22.00 15.75
N ALA D 69 26.59 -22.71 14.64
CA ALA D 69 27.59 -23.68 14.24
C ALA D 69 28.95 -22.97 14.10
N GLU D 70 28.99 -21.89 13.29
CA GLU D 70 30.22 -21.15 13.06
C GLU D 70 30.72 -20.46 14.34
N LEU D 71 29.79 -20.03 15.20
CA LEU D 71 30.18 -19.48 16.49
C LEU D 71 30.84 -20.57 17.34
N ARG D 72 30.29 -21.78 17.25
CA ARG D 72 30.80 -22.88 18.05
C ARG D 72 32.21 -23.25 17.65
N SER D 73 32.46 -23.26 16.35
CA SER D 73 33.74 -23.70 15.83
C SER D 73 34.84 -22.67 16.14
N ARG D 74 34.42 -21.46 16.48
CA ARG D 74 35.35 -20.41 16.93
C ARG D 74 35.48 -20.42 18.44
N GLY D 75 34.94 -21.47 19.07
CA GLY D 75 35.19 -21.72 20.47
C GLY D 75 34.11 -21.28 21.42
N HIS D 76 33.02 -20.72 20.91
CA HIS D 76 31.95 -20.26 21.79
C HIS D 76 30.93 -21.36 22.08
N ASP D 77 30.35 -21.36 23.28
CA ASP D 77 29.31 -22.33 23.57
C ASP D 77 27.90 -21.75 23.53
N ILE D 78 27.08 -22.34 22.67
CA ILE D 78 25.70 -21.97 22.48
C ILE D 78 24.88 -23.24 22.70
N THR D 79 23.73 -23.14 23.36
CA THR D 79 22.96 -24.34 23.67
C THR D 79 21.78 -24.57 22.72
N GLN E 3 -29.62 23.10 -18.63
CA GLN E 3 -28.95 22.21 -19.56
C GLN E 3 -29.48 20.79 -19.49
N VAL E 4 -29.55 20.14 -20.65
CA VAL E 4 -30.08 18.77 -20.77
C VAL E 4 -29.08 17.89 -21.50
N ASP E 5 -28.89 16.67 -21.00
CA ASP E 5 -27.94 15.78 -21.65
C ASP E 5 -28.59 14.92 -22.74
N ALA E 6 -27.87 13.90 -23.19
CA ALA E 6 -28.33 13.04 -24.27
C ALA E 6 -29.53 12.21 -23.84
N GLU E 7 -29.57 11.86 -22.57
CA GLU E 7 -30.61 10.98 -22.05
C GLU E 7 -31.93 11.73 -21.91
N GLY E 8 -31.85 13.04 -21.72
CA GLY E 8 -33.02 13.86 -21.46
C GLY E 8 -33.00 14.43 -20.05
N ASN E 9 -31.93 14.14 -19.30
CA ASN E 9 -31.83 14.57 -17.91
C ASN E 9 -31.30 15.99 -17.78
N PRO E 10 -31.71 16.69 -16.72
CA PRO E 10 -31.12 18.01 -16.47
C PRO E 10 -29.75 17.87 -15.80
N PHE E 11 -28.87 18.83 -16.02
CA PHE E 11 -27.64 18.85 -15.28
C PHE E 11 -27.09 20.24 -15.08
N TRP E 12 -26.13 20.33 -14.16
CA TRP E 12 -25.54 21.58 -13.75
C TRP E 12 -24.03 21.38 -13.67
N GLU E 13 -23.29 22.20 -14.40
CA GLU E 13 -21.83 22.10 -14.37
C GLU E 13 -21.29 22.67 -13.06
N ILE E 14 -20.44 21.91 -12.39
CA ILE E 14 -19.79 22.38 -11.18
C ILE E 14 -18.31 22.45 -11.45
N SER E 15 -17.93 22.03 -12.65
CA SER E 15 -16.57 22.27 -13.16
C SER E 15 -16.54 21.98 -14.65
N ASP E 16 -15.38 22.16 -15.25
CA ASP E 16 -15.27 21.99 -16.69
C ASP E 16 -15.51 20.53 -17.10
N LYS E 17 -15.37 19.62 -16.15
CA LYS E 17 -15.55 18.20 -16.44
C LYS E 17 -16.48 17.51 -15.44
N ARG E 18 -17.15 18.28 -14.59
CA ARG E 18 -17.98 17.68 -13.54
C ARG E 18 -19.40 18.24 -13.48
N ARG E 19 -20.38 17.34 -13.48
CA ARG E 19 -21.78 17.77 -13.45
C ARG E 19 -22.51 17.32 -12.20
N VAL E 20 -23.51 18.08 -11.80
CA VAL E 20 -24.57 17.55 -10.95
C VAL E 20 -25.82 17.38 -11.81
N GLY E 21 -26.36 16.17 -11.87
CA GLY E 21 -27.56 15.95 -12.64
C GLY E 21 -28.52 15.02 -11.94
N ILE E 22 -29.79 15.09 -12.31
CA ILE E 22 -30.77 14.15 -11.79
C ILE E 22 -31.11 13.15 -12.88
N SER E 23 -31.21 11.89 -12.52
CA SER E 23 -31.65 10.88 -13.47
C SER E 23 -32.63 9.92 -12.82
N GLN E 24 -33.11 8.99 -13.62
CA GLN E 24 -34.17 8.08 -13.21
C GLN E 24 -33.93 6.66 -13.72
N PHE E 25 -33.39 5.82 -12.86
CA PHE E 25 -33.00 4.47 -13.25
C PHE E 25 -33.82 3.56 -12.37
N LYS E 26 -34.46 2.57 -12.98
CA LYS E 26 -35.16 1.52 -12.25
C LYS E 26 -36.20 2.07 -11.26
N LYS E 27 -36.99 3.05 -11.72
CA LYS E 27 -38.08 3.68 -10.95
C LYS E 27 -37.72 4.69 -9.84
N MET E 28 -36.44 4.79 -9.48
CA MET E 28 -36.04 5.77 -8.46
C MET E 28 -35.38 6.99 -9.08
N ASP E 29 -35.26 8.04 -8.27
CA ASP E 29 -34.59 9.26 -8.69
C ASP E 29 -33.17 9.33 -8.12
N PHE E 30 -32.19 9.58 -8.97
CA PHE E 30 -30.85 9.77 -8.44
C PHE E 30 -30.31 11.15 -8.69
N ILE E 31 -29.71 11.70 -7.65
CA ILE E 31 -28.97 12.93 -7.77
C ILE E 31 -27.47 12.60 -7.91
N ASN E 32 -26.98 12.80 -9.12
CA ASN E 32 -25.67 12.36 -9.52
C ASN E 32 -24.63 13.46 -9.48
N ILE E 33 -23.50 13.15 -8.85
CA ILE E 33 -22.33 14.00 -8.86
C ILE E 33 -21.19 13.25 -9.51
N ARG E 34 -20.93 13.54 -10.78
CA ARG E 34 -20.03 12.69 -11.56
C ARG E 34 -19.10 13.45 -12.49
N GLU E 35 -17.95 12.82 -12.77
CA GLU E 35 -16.97 13.31 -13.73
C GLU E 35 -17.29 12.73 -15.11
N TYR E 36 -17.28 13.57 -16.13
CA TYR E 36 -17.60 13.14 -17.50
C TYR E 36 -16.39 13.27 -18.40
N TYR E 37 -16.38 12.55 -19.53
CA TYR E 37 -15.27 12.67 -20.47
C TYR E 37 -15.68 12.70 -21.94
N GLU E 38 -14.81 13.32 -22.76
CA GLU E 38 -15.09 13.60 -24.16
C GLU E 38 -15.39 12.37 -25.00
N ALA E 39 -16.46 12.47 -25.80
CA ALA E 39 -16.98 11.40 -26.67
C ALA E 39 -16.55 9.98 -26.33
N GLU E 42 -21.19 15.24 -26.75
CA GLU E 42 -21.07 13.79 -26.71
C GLU E 42 -20.40 13.33 -25.43
N MET E 43 -20.53 14.14 -24.39
CA MET E 43 -19.97 13.82 -23.08
C MET E 43 -20.59 12.57 -22.49
N LYS E 44 -19.74 11.68 -21.99
CA LYS E 44 -20.23 10.48 -21.34
C LYS E 44 -19.62 10.30 -19.94
N PRO E 45 -20.41 9.72 -19.01
CA PRO E 45 -20.06 9.69 -17.58
C PRO E 45 -18.92 8.74 -17.25
N GLY E 46 -18.10 9.15 -16.30
CA GLY E 46 -16.91 8.40 -15.94
C GLY E 46 -17.12 7.53 -14.71
N LYS E 47 -16.07 6.80 -14.34
CA LYS E 47 -16.16 5.89 -13.22
C LYS E 47 -16.20 6.68 -11.93
N LYS E 48 -15.38 7.72 -11.86
CA LYS E 48 -15.28 8.52 -10.65
C LYS E 48 -16.55 9.34 -10.42
N GLY E 49 -17.31 8.99 -9.39
CA GLY E 49 -18.51 9.72 -9.07
C GLY E 49 -19.47 8.96 -8.18
N ILE E 50 -20.46 9.65 -7.64
CA ILE E 50 -21.41 9.00 -6.74
C ILE E 50 -22.88 9.39 -7.04
N GLY E 51 -23.76 8.38 -7.09
CA GLY E 51 -25.17 8.60 -7.27
C GLY E 51 -25.98 8.46 -5.99
N LEU E 52 -26.60 9.55 -5.53
CA LEU E 52 -27.35 9.55 -4.28
C LEU E 52 -28.82 9.21 -4.46
N THR E 53 -29.38 8.52 -3.47
CA THR E 53 -30.83 8.39 -3.37
C THR E 53 -31.35 9.66 -2.73
N VAL E 54 -32.55 10.07 -3.15
CA VAL E 54 -33.23 11.23 -2.57
C VAL E 54 -33.03 11.36 -1.06
N ASP E 55 -33.16 10.25 -0.36
CA ASP E 55 -32.96 10.23 1.09
C ASP E 55 -31.55 10.66 1.50
N GLN E 56 -30.55 10.10 0.82
CA GLN E 56 -29.17 10.47 1.10
C GLN E 56 -28.96 11.95 0.77
N TYR E 57 -29.58 12.40 -0.31
CA TYR E 57 -29.51 13.80 -0.70
C TYR E 57 -30.15 14.71 0.34
N THR E 58 -31.25 14.28 0.96
CA THR E 58 -31.85 15.13 1.98
C THR E 58 -31.00 15.15 3.26
N ALA E 59 -30.43 14.00 3.61
CA ALA E 59 -29.47 13.91 4.71
C ALA E 59 -28.29 14.87 4.47
N PHE E 60 -27.80 14.85 3.23
CA PHE E 60 -26.79 15.81 2.79
C PHE E 60 -27.18 17.27 3.06
N LEU E 61 -28.39 17.65 2.63
CA LEU E 61 -28.88 19.02 2.78
C LEU E 61 -28.88 19.51 4.22
N LYS E 62 -29.20 18.60 5.15
CA LYS E 62 -29.19 18.93 6.57
C LYS E 62 -27.79 19.27 7.09
N ALA E 63 -26.79 18.59 6.54
CA ALA E 63 -25.41 18.78 6.96
C ALA E 63 -24.86 20.13 6.50
N ILE E 64 -25.25 20.51 5.30
CA ILE E 64 -24.74 21.69 4.61
C ILE E 64 -24.41 22.91 5.48
N PRO E 65 -25.33 23.33 6.35
CA PRO E 65 -24.92 24.44 7.21
C PRO E 65 -23.69 24.10 8.08
N ALA E 66 -23.64 22.89 8.64
CA ALA E 66 -22.52 22.47 9.49
C ALA E 66 -21.22 22.39 8.71
N ILE E 67 -21.32 21.97 7.45
CA ILE E 67 -20.16 21.83 6.58
C ILE E 67 -19.64 23.21 6.18
N ASN E 68 -20.55 24.07 5.78
CA ASN E 68 -20.21 25.46 5.49
C ASN E 68 -19.52 26.10 6.68
N ALA E 69 -19.96 25.77 7.89
CA ALA E 69 -19.35 26.29 9.09
C ALA E 69 -17.88 25.85 9.19
N GLU E 70 -17.65 24.55 9.04
CA GLU E 70 -16.30 24.02 9.10
C GLU E 70 -15.38 24.68 8.06
N LEU E 71 -15.80 24.67 6.79
CA LEU E 71 -15.01 25.29 5.72
C LEU E 71 -14.72 26.78 5.95
N ARG E 72 -15.71 27.50 6.45
CA ARG E 72 -15.53 28.92 6.71
C ARG E 72 -14.43 29.18 7.73
N SER E 73 -14.30 28.29 8.71
CA SER E 73 -13.36 28.47 9.79
C SER E 73 -11.96 28.05 9.33
N ARG E 74 -11.93 27.43 8.15
CA ARG E 74 -10.67 27.19 7.47
C ARG E 74 -10.47 28.28 6.42
N GLY E 75 -11.08 29.43 6.67
CA GLY E 75 -10.86 30.63 5.87
C GLY E 75 -11.50 30.64 4.49
N HIS E 76 -12.19 29.57 4.14
CA HIS E 76 -12.86 29.53 2.85
C HIS E 76 -14.02 30.52 2.84
N ASP E 77 -14.35 31.05 1.67
CA ASP E 77 -15.41 32.05 1.55
C ASP E 77 -16.69 31.44 0.97
N ILE E 78 -17.70 31.26 1.81
CA ILE E 78 -18.97 30.66 1.38
C ILE E 78 -20.13 31.57 1.74
N THR E 79 -20.96 31.91 0.75
CA THR E 79 -22.08 32.83 1.01
C THR E 79 -23.10 32.31 2.05
N SER F 2 -22.32 15.64 12.84
CA SER F 2 -21.27 16.53 13.33
C SER F 2 -20.20 15.81 14.18
N GLN F 3 -19.64 14.73 13.65
CA GLN F 3 -18.64 13.98 14.39
C GLN F 3 -17.29 13.87 13.68
N VAL F 4 -16.26 13.55 14.45
CA VAL F 4 -14.87 13.58 13.96
C VAL F 4 -14.30 12.18 13.80
N ASP F 5 -13.62 11.94 12.68
CA ASP F 5 -13.14 10.60 12.36
C ASP F 5 -11.83 10.21 13.06
N ALA F 6 -11.24 9.10 12.64
CA ALA F 6 -10.01 8.59 13.22
C ALA F 6 -8.80 9.49 12.89
N GLU F 7 -8.70 9.90 11.64
CA GLU F 7 -7.63 10.79 11.20
C GLU F 7 -7.71 12.15 11.90
N GLY F 8 -8.92 12.57 12.26
CA GLY F 8 -9.10 13.82 12.97
C GLY F 8 -9.97 14.83 12.24
N ASN F 9 -10.57 14.39 11.14
CA ASN F 9 -11.42 15.27 10.34
C ASN F 9 -12.91 15.13 10.64
N PRO F 10 -13.66 16.21 10.46
CA PRO F 10 -15.12 16.16 10.70
C PRO F 10 -15.84 15.45 9.57
N PHE F 11 -16.90 14.74 9.92
CA PHE F 11 -17.78 14.16 8.89
C PHE F 11 -19.22 14.13 9.32
N TRP F 12 -20.08 13.81 8.35
CA TRP F 12 -21.52 13.69 8.56
C TRP F 12 -22.00 12.45 7.83
N GLU F 13 -22.77 11.60 8.51
CA GLU F 13 -23.35 10.44 7.83
C GLU F 13 -24.58 10.83 7.01
N ILE F 14 -24.81 10.09 5.93
CA ILE F 14 -25.99 10.33 5.08
C ILE F 14 -26.68 9.03 4.73
N SER F 15 -26.09 7.92 5.14
CA SER F 15 -26.61 6.60 4.88
C SER F 15 -26.03 5.67 5.93
N ASP F 16 -26.21 4.37 5.74
CA ASP F 16 -25.62 3.40 6.65
C ASP F 16 -24.11 3.33 6.45
N LYS F 17 -23.69 3.43 5.19
CA LYS F 17 -22.26 3.36 4.87
C LYS F 17 -21.75 4.53 3.99
N ARG F 18 -22.42 5.68 4.04
CA ARG F 18 -21.98 6.81 3.24
C ARG F 18 -21.78 8.07 4.07
N ARG F 19 -20.59 8.66 3.98
CA ARG F 19 -20.32 9.88 4.72
C ARG F 19 -20.04 11.07 3.81
N VAL F 20 -20.34 12.25 4.31
CA VAL F 20 -19.80 13.46 3.75
C VAL F 20 -18.76 13.85 4.76
N GLY F 21 -17.56 14.12 4.28
CA GLY F 21 -16.50 14.53 5.17
C GLY F 21 -15.54 15.51 4.54
N ILE F 22 -14.88 16.30 5.38
CA ILE F 22 -13.89 17.27 4.94
C ILE F 22 -12.51 16.79 5.32
N SER F 23 -11.62 16.72 4.34
CA SER F 23 -10.23 16.37 4.63
C SER F 23 -9.25 17.31 3.92
N GLN F 24 -8.04 17.40 4.44
CA GLN F 24 -7.01 18.21 3.82
C GLN F 24 -5.98 17.34 3.13
N PHE F 25 -5.63 17.70 1.90
CA PHE F 25 -4.66 16.95 1.12
C PHE F 25 -3.88 17.92 0.25
N LYS F 26 -2.55 17.83 0.32
CA LYS F 26 -1.67 18.70 -0.45
C LYS F 26 -2.06 20.17 -0.29
N LYS F 27 -2.40 20.55 0.94
CA LYS F 27 -2.71 21.93 1.34
C LYS F 27 -4.08 22.47 0.90
N MET F 28 -4.85 21.65 0.19
CA MET F 28 -6.17 22.07 -0.30
C MET F 28 -7.28 21.30 0.43
N ASP F 29 -8.43 21.92 0.61
CA ASP F 29 -9.51 21.21 1.30
C ASP F 29 -10.36 20.42 0.33
N PHE F 30 -10.74 19.21 0.72
CA PHE F 30 -11.62 18.41 -0.11
C PHE F 30 -12.86 17.96 0.65
N ILE F 31 -13.99 18.04 -0.03
CA ILE F 31 -15.26 17.55 0.50
C ILE F 31 -15.57 16.24 -0.19
N ASN F 32 -15.40 15.13 0.52
CA ASN F 32 -15.68 13.82 -0.04
C ASN F 32 -17.08 13.32 0.28
N ILE F 33 -17.70 12.70 -0.71
CA ILE F 33 -19.01 12.10 -0.57
C ILE F 33 -18.80 10.64 -0.94
N ARG F 34 -18.70 9.78 0.06
CA ARG F 34 -18.02 8.51 -0.18
C ARG F 34 -18.64 7.37 0.57
N GLU F 35 -18.45 6.17 0.03
CA GLU F 35 -18.82 4.91 0.63
C GLU F 35 -17.68 4.40 1.54
N TYR F 36 -18.01 4.00 2.77
CA TYR F 36 -17.03 3.49 3.72
C TYR F 36 -17.28 2.02 4.06
N TYR F 37 -16.21 1.27 4.34
CA TYR F 37 -16.33 -0.14 4.72
C TYR F 37 -15.78 -0.34 6.12
N GLU F 38 -16.04 -1.48 6.74
CA GLU F 38 -15.78 -1.66 8.17
C GLU F 38 -14.33 -2.00 8.53
N ALA F 39 -13.74 -2.97 7.83
CA ALA F 39 -12.35 -3.35 8.06
C ALA F 39 -12.00 -3.69 9.52
N GLY F 40 -11.19 -2.83 10.14
CA GLY F 40 -10.68 -3.12 11.46
C GLY F 40 -11.56 -2.49 12.53
N GLY F 41 -12.86 -2.75 12.45
CA GLY F 41 -13.83 -2.15 13.36
C GLY F 41 -13.88 -0.62 13.24
N GLU F 42 -13.19 -0.11 12.23
CA GLU F 42 -13.03 1.33 12.02
C GLU F 42 -13.35 1.64 10.57
N MET F 43 -14.42 2.40 10.34
CA MET F 43 -14.84 2.72 8.99
C MET F 43 -13.75 3.45 8.21
N LYS F 44 -13.36 2.89 7.06
CA LYS F 44 -12.36 3.48 6.17
C LYS F 44 -13.00 3.82 4.82
N PRO F 45 -12.49 4.85 4.12
CA PRO F 45 -13.07 5.25 2.83
C PRO F 45 -12.83 4.24 1.72
N GLY F 46 -13.85 3.99 0.90
CA GLY F 46 -13.77 3.00 -0.16
C GLY F 46 -13.62 3.56 -1.57
N LYS F 47 -13.64 2.66 -2.55
CA LYS F 47 -13.46 3.03 -3.96
C LYS F 47 -14.52 4.00 -4.48
N LYS F 48 -15.78 3.77 -4.13
CA LYS F 48 -16.90 4.55 -4.66
C LYS F 48 -17.08 5.90 -3.97
N GLY F 49 -17.10 6.97 -4.74
CA GLY F 49 -17.34 8.29 -4.19
C GLY F 49 -16.78 9.39 -5.06
N ILE F 50 -16.67 10.58 -4.50
CA ILE F 50 -16.04 11.66 -5.22
C ILE F 50 -15.51 12.71 -4.28
N GLY F 51 -14.33 13.24 -4.59
CA GLY F 51 -13.76 14.33 -3.82
C GLY F 51 -14.00 15.65 -4.51
N LEU F 52 -14.60 16.61 -3.81
CA LEU F 52 -14.82 17.91 -4.41
C LEU F 52 -13.82 18.94 -3.90
N THR F 53 -13.31 19.76 -4.82
CA THR F 53 -12.58 20.92 -4.40
C THR F 53 -13.59 21.95 -3.93
N VAL F 54 -13.12 22.96 -3.21
CA VAL F 54 -14.01 23.96 -2.66
C VAL F 54 -14.80 24.69 -3.75
N ASP F 55 -14.17 24.95 -4.89
CA ASP F 55 -14.87 25.61 -6.01
C ASP F 55 -16.02 24.79 -6.58
N GLN F 56 -15.80 23.48 -6.72
CA GLN F 56 -16.83 22.57 -7.19
C GLN F 56 -17.98 22.40 -6.20
N TYR F 57 -17.67 22.42 -4.92
CA TYR F 57 -18.70 22.36 -3.90
C TYR F 57 -19.54 23.62 -3.89
N THR F 58 -18.90 24.77 -4.04
CA THR F 58 -19.64 26.02 -4.04
C THR F 58 -20.52 26.17 -5.28
N ALA F 59 -20.07 25.59 -6.39
CA ALA F 59 -20.82 25.64 -7.63
C ALA F 59 -22.04 24.77 -7.42
N PHE F 60 -21.78 23.64 -6.76
CA PHE F 60 -22.81 22.69 -6.37
C PHE F 60 -23.91 23.32 -5.48
N LEU F 61 -23.53 24.14 -4.51
CA LEU F 61 -24.52 24.78 -3.65
C LEU F 61 -25.39 25.71 -4.44
N LYS F 62 -24.81 26.33 -5.46
CA LYS F 62 -25.58 27.24 -6.31
C LYS F 62 -26.67 26.47 -7.04
N ALA F 63 -26.46 25.18 -7.28
CA ALA F 63 -27.38 24.41 -8.11
C ALA F 63 -28.49 23.73 -7.29
N ILE F 64 -28.37 23.85 -5.98
CA ILE F 64 -29.28 23.19 -5.06
C ILE F 64 -30.75 23.59 -5.15
N PRO F 65 -31.05 24.90 -5.20
CA PRO F 65 -32.47 25.27 -5.30
C PRO F 65 -33.15 24.77 -6.59
N ALA F 66 -32.37 24.65 -7.67
CA ALA F 66 -32.87 24.04 -8.89
C ALA F 66 -33.11 22.56 -8.68
N ILE F 67 -32.12 21.85 -8.13
CA ILE F 67 -32.27 20.42 -7.84
C ILE F 67 -33.52 20.19 -7.01
N ASN F 68 -33.66 20.97 -5.94
CA ASN F 68 -34.79 20.85 -5.04
C ASN F 68 -36.13 21.02 -5.76
N ALA F 69 -36.21 22.07 -6.58
CA ALA F 69 -37.39 22.34 -7.40
C ALA F 69 -37.79 21.13 -8.24
N GLU F 70 -36.83 20.57 -8.96
CA GLU F 70 -37.14 19.47 -9.87
C GLU F 70 -37.60 18.23 -9.11
N LEU F 71 -37.01 18.02 -7.94
CA LEU F 71 -37.35 16.87 -7.12
C LEU F 71 -38.76 16.99 -6.57
N ARG F 72 -39.13 18.21 -6.19
CA ARG F 72 -40.46 18.49 -5.65
C ARG F 72 -41.55 18.22 -6.68
N SER F 73 -41.30 18.61 -7.92
CA SER F 73 -42.22 18.40 -9.03
C SER F 73 -42.32 16.93 -9.42
N ARG F 74 -41.36 16.14 -8.96
CA ARG F 74 -41.43 14.70 -9.13
C ARG F 74 -42.02 14.02 -7.89
N GLY F 75 -42.52 14.84 -6.97
CA GLY F 75 -43.29 14.34 -5.85
C GLY F 75 -42.56 14.09 -4.54
N HIS F 76 -41.30 14.52 -4.45
CA HIS F 76 -40.54 14.32 -3.22
C HIS F 76 -40.70 15.51 -2.29
N ASP F 77 -40.71 15.26 -0.99
CA ASP F 77 -40.71 16.36 -0.04
C ASP F 77 -39.28 16.83 0.31
N ILE F 78 -39.07 18.14 0.26
CA ILE F 78 -37.79 18.77 0.61
C ILE F 78 -37.97 19.95 1.57
N THR F 79 -37.28 19.92 2.71
CA THR F 79 -37.37 21.01 3.70
C THR F 79 -36.52 22.21 3.28
S SO4 J . -16.21 -2.55 -14.12
O1 SO4 J . -15.19 -3.47 -14.61
O2 SO4 J . -15.64 -1.20 -14.12
O3 SO4 J . -17.37 -2.57 -15.01
O4 SO4 J . -16.59 -2.93 -12.76
S SO4 K . 2.77 -12.39 7.55
O1 SO4 K . 2.79 -13.20 6.32
O2 SO4 K . 3.29 -11.06 7.25
O3 SO4 K . 1.42 -12.29 8.07
O4 SO4 K . 3.61 -13.03 8.55
S SO4 L . 11.33 2.20 30.10
O1 SO4 L . 11.63 1.24 29.05
O2 SO4 L . 11.43 3.56 29.55
O3 SO4 L . 9.96 1.99 30.57
O4 SO4 L . 12.27 2.05 31.21
S SO4 M . -35.86 -4.14 -8.32
O1 SO4 M . -35.40 -4.99 -9.41
O2 SO4 M . -35.91 -2.75 -8.75
O3 SO4 M . -37.19 -4.56 -7.90
O4 SO4 M . -34.94 -4.27 -7.19
S SO4 N . -34.86 25.48 -1.13
O1 SO4 N . -34.70 24.73 -2.39
O2 SO4 N . -35.59 26.71 -1.39
O3 SO4 N . -35.60 24.65 -0.17
O4 SO4 N . -33.54 25.79 -0.58
#